data_4Z9O
#
_entry.id   4Z9O
#
_cell.length_a   105.583
_cell.length_b   125.288
_cell.length_c   103.988
_cell.angle_alpha   90.000
_cell.angle_beta   90.000
_cell.angle_gamma   90.000
#
_symmetry.space_group_name_H-M   'C 2 2 21'
#
loop_
_entity.id
_entity.type
_entity.pdbx_description
1 polymer 'Gamma-glutamyltranspeptidase 1'
2 polymer 'Gamma-glutamyltranspeptidase 1'
3 non-polymer 2-acetamido-2-deoxy-beta-D-glucopyranose
4 non-polymer '2-(N-MORPHOLINO)-ETHANESULFONIC ACID'
5 non-polymer 'CHLORIDE ION'
6 non-polymer 'SODIUM ION'
7 water water
#
loop_
_entity_poly.entity_id
_entity_poly.type
_entity_poly.pdbx_seq_one_letter_code
_entity_poly.pdbx_strand_id
1 'polypeptide(L)'
;SASKEPDNHVYTRAAVAADAKQCSKIGRDALRDGGSAVDAAIAALLCVGLMNAHSMGIGGGLFLTIYNSTTRKAEVINAR
EVAPRLAFATMFNSSEQSQKGGLSVAVPGEIRGYELAHQRHGRLPWARLFQPSIQLARQGFPVGKGLAAALENKRTVIEQ
QPVLCEVFCRDRKVLREGERLTLPQLADTYETLAIEGAQAFYNGSLTAQIVKDIQAAGGIVTAEDLNNYRAELIEHPLNI
SLGDAVLYMPSAPLSGPVLALILNILKGYNFSRESVESPEQKGLTYHRIVEAFRFAYAKRTLLGDPKFVDVTEVVRNMTS
EFFAAQLRAQISDDTTHPISYYKPEFYTPDDGG
;
A
2 'polypeptide(L)'
;TAHLSVVAEDGSAVSATSTINLYFGSKVRSPVSGILFNNEMDDFSSPSITNEFGVPPSPANFIQPGKQPLSSMCPTIMVG
QDGQVRMVVGAAGGTQITTATALAIIYNLWFGYDVKRAVEEPRLHNQLLPNVTTVERNIDQAVTAALETRHHHTQIASTF
IAVVQAIVRTAGGWAAASDSRKGGEPAGY
;
B
#
loop_
_chem_comp.id
_chem_comp.type
_chem_comp.name
_chem_comp.formula
CL non-polymer 'CHLORIDE ION' 'Cl -1'
MES non-polymer '2-(N-MORPHOLINO)-ETHANESULFONIC ACID' 'C6 H13 N O4 S'
NA non-polymer 'SODIUM ION' 'Na 1'
NAG D-saccharide, beta linking 2-acetamido-2-deoxy-beta-D-glucopyranose 'C8 H15 N O6'
#
# COMPACT_ATOMS: atom_id res chain seq x y z
N ASP A 7 -22.02 -7.49 -10.06
CA ASP A 7 -22.65 -7.21 -11.38
C ASP A 7 -22.33 -5.80 -11.88
N ASN A 8 -22.99 -4.82 -11.28
CA ASN A 8 -22.78 -3.41 -11.57
C ASN A 8 -21.63 -2.81 -10.73
N HIS A 9 -21.52 -3.35 -9.53
CA HIS A 9 -20.59 -2.89 -8.51
C HIS A 9 -21.01 -1.53 -7.87
N VAL A 10 -22.29 -1.19 -7.98
CA VAL A 10 -22.92 -0.19 -7.12
C VAL A 10 -23.84 -0.93 -6.17
N TYR A 11 -23.60 -0.80 -4.87
CA TYR A 11 -24.28 -1.62 -3.87
C TYR A 11 -25.01 -0.72 -2.90
N THR A 12 -26.23 -1.10 -2.54
CA THR A 12 -27.10 -0.25 -1.74
C THR A 12 -26.58 -0.13 -0.34
N ARG A 13 -26.00 -1.20 0.18
CA ARG A 13 -25.79 -1.27 1.62
C ARG A 13 -24.32 -1.31 2.06
N ALA A 14 -23.50 -2.13 1.38
CA ALA A 14 -22.09 -2.30 1.78
C ALA A 14 -21.19 -2.81 0.64
N ALA A 15 -19.88 -2.58 0.76
CA ALA A 15 -19.02 -2.98 -0.32
C ALA A 15 -17.60 -3.27 0.15
N VAL A 16 -16.92 -4.18 -0.58
CA VAL A 16 -15.54 -4.57 -0.30
C VAL A 16 -14.87 -4.56 -1.66
N ALA A 17 -13.78 -3.80 -1.77
CA ALA A 17 -13.02 -3.75 -3.01
C ALA A 17 -11.60 -4.26 -2.73
N ALA A 18 -11.37 -5.53 -3.09
CA ALA A 18 -10.06 -6.18 -3.01
C ALA A 18 -9.52 -6.56 -4.40
N ASP A 19 -8.24 -6.94 -4.42
CA ASP A 19 -7.54 -7.24 -5.66
C ASP A 19 -7.68 -8.71 -6.12
N ALA A 20 -8.54 -9.45 -5.44
CA ALA A 20 -8.99 -10.76 -5.93
C ALA A 20 -10.48 -10.91 -5.62
N LYS A 21 -11.25 -11.34 -6.62
CA LYS A 21 -12.72 -11.53 -6.50
C LYS A 21 -13.13 -12.34 -5.26
N GLN A 22 -12.49 -13.50 -5.11
CA GLN A 22 -12.79 -14.38 -4.00
C GLN A 22 -12.63 -13.71 -2.63
N CYS A 23 -11.61 -12.86 -2.48
CA CYS A 23 -11.37 -12.15 -1.22
C CYS A 23 -12.36 -11.01 -1.06
N SER A 24 -12.71 -10.31 -2.13
CA SER A 24 -13.81 -9.34 -2.00
C SER A 24 -15.06 -10.05 -1.45
N LYS A 25 -15.37 -11.23 -2.01
CA LYS A 25 -16.53 -12.03 -1.55
C LYS A 25 -16.45 -12.45 -0.10
N ILE A 26 -15.26 -12.86 0.31
CA ILE A 26 -15.05 -13.30 1.68
C ILE A 26 -15.24 -12.14 2.66
N GLY A 27 -14.76 -10.95 2.32
CA GLY A 27 -15.06 -9.75 3.12
C GLY A 27 -16.55 -9.43 3.10
N ARG A 28 -17.16 -9.51 1.92
CA ARG A 28 -18.60 -9.25 1.80
C ARG A 28 -19.41 -10.20 2.72
N ASP A 29 -19.04 -11.48 2.75
CA ASP A 29 -19.75 -12.46 3.60
C ASP A 29 -19.58 -12.19 5.08
N ALA A 30 -18.42 -11.68 5.49
CA ALA A 30 -18.25 -11.32 6.90
C ALA A 30 -19.21 -10.20 7.26
N LEU A 31 -19.30 -9.17 6.41
CA LEU A 31 -20.24 -8.05 6.61
C LEU A 31 -21.66 -8.61 6.74
N ARG A 32 -22.06 -9.40 5.74
CA ARG A 32 -23.40 -10.00 5.69
CA ARG A 32 -23.38 -10.05 5.68
C ARG A 32 -23.73 -10.79 6.97
N ASP A 33 -22.75 -11.50 7.54
CA ASP A 33 -22.91 -12.25 8.82
C ASP A 33 -22.83 -11.37 10.08
N GLY A 34 -22.82 -10.05 9.92
CA GLY A 34 -22.79 -9.17 11.10
C GLY A 34 -21.44 -8.57 11.51
N GLY A 35 -20.37 -8.83 10.75
CA GLY A 35 -19.08 -8.23 11.05
C GLY A 35 -19.03 -6.72 10.85
N SER A 36 -18.17 -6.03 11.61
CA SER A 36 -17.82 -4.64 11.32
C SER A 36 -16.98 -4.54 10.05
N ALA A 37 -16.71 -3.31 9.60
CA ALA A 37 -15.81 -3.07 8.48
C ALA A 37 -14.41 -3.69 8.74
N VAL A 38 -13.99 -3.71 10.01
CA VAL A 38 -12.70 -4.25 10.40
C VAL A 38 -12.61 -5.80 10.27
N ASP A 39 -13.65 -6.51 10.73
CA ASP A 39 -13.84 -7.94 10.49
C ASP A 39 -13.72 -8.27 9.01
N ALA A 40 -14.48 -7.56 8.18
CA ALA A 40 -14.47 -7.79 6.74
C ALA A 40 -13.06 -7.59 6.17
N ALA A 41 -12.34 -6.56 6.69
CA ALA A 41 -11.03 -6.20 6.15
C ALA A 41 -10.03 -7.29 6.56
N ILE A 42 -10.09 -7.72 7.82
CA ILE A 42 -9.21 -8.80 8.25
C ILE A 42 -9.46 -10.08 7.46
N ALA A 43 -10.74 -10.49 7.31
CA ALA A 43 -11.08 -11.72 6.60
C ALA A 43 -10.58 -11.65 5.14
N ALA A 44 -10.89 -10.55 4.45
CA ALA A 44 -10.36 -10.29 3.11
C ALA A 44 -8.82 -10.27 3.04
N LEU A 45 -8.16 -9.60 4.00
CA LEU A 45 -6.69 -9.59 4.01
C LEU A 45 -6.07 -10.99 4.21
N LEU A 46 -6.67 -11.85 5.04
CA LEU A 46 -6.15 -13.19 5.21
C LEU A 46 -6.20 -13.90 3.88
N CYS A 47 -7.23 -13.60 3.10
CA CYS A 47 -7.42 -14.26 1.84
C CYS A 47 -6.44 -13.74 0.77
N VAL A 48 -6.21 -12.42 0.76
CA VAL A 48 -5.31 -11.80 -0.23
C VAL A 48 -3.90 -12.35 0.03
N GLY A 49 -3.61 -12.63 1.29
CA GLY A 49 -2.31 -13.18 1.66
C GLY A 49 -2.07 -14.53 1.02
N LEU A 50 -3.16 -15.20 0.59
CA LEU A 50 -3.08 -16.48 -0.10
C LEU A 50 -3.09 -16.31 -1.62
N MET A 51 -4.12 -15.63 -2.14
CA MET A 51 -4.32 -15.49 -3.59
C MET A 51 -3.34 -14.54 -4.23
N ASN A 52 -2.85 -13.57 -3.46
CA ASN A 52 -1.80 -12.69 -3.96
C ASN A 52 -0.58 -12.74 -3.06
N ALA A 53 -0.10 -13.98 -2.83
CA ALA A 53 0.95 -14.24 -1.86
C ALA A 53 2.22 -13.47 -2.15
N HIS A 54 2.42 -13.05 -3.39
CA HIS A 54 3.62 -12.29 -3.74
C HIS A 54 3.61 -10.86 -3.13
N SER A 55 2.42 -10.36 -2.81
CA SER A 55 2.13 -8.96 -2.46
C SER A 55 2.17 -8.63 -0.97
N MET A 56 1.62 -9.54 -0.16
CA MET A 56 1.35 -9.28 1.25
C MET A 56 1.08 -10.61 1.93
N GLY A 57 1.10 -10.60 3.27
CA GLY A 57 0.60 -11.72 4.06
C GLY A 57 1.08 -11.63 5.51
N ILE A 58 0.96 -12.74 6.24
CA ILE A 58 1.30 -12.76 7.69
C ILE A 58 2.83 -12.64 7.95
N GLY A 59 3.64 -12.72 6.88
CA GLY A 59 5.12 -12.47 6.99
C GLY A 59 5.49 -11.01 6.83
N GLY A 60 4.47 -10.15 6.68
CA GLY A 60 4.68 -8.73 6.39
C GLY A 60 4.13 -7.79 7.44
N GLY A 61 3.75 -6.58 7.03
CA GLY A 61 3.14 -5.61 7.94
C GLY A 61 2.07 -4.77 7.25
N LEU A 62 1.31 -3.98 8.02
CA LEU A 62 0.26 -3.16 7.38
C LEU A 62 -0.10 -1.88 8.15
N PHE A 63 -0.81 -0.99 7.47
CA PHE A 63 -1.48 0.14 8.10
C PHE A 63 -3.00 0.06 7.82
N LEU A 64 -3.82 0.41 8.80
CA LEU A 64 -5.26 0.51 8.56
C LEU A 64 -5.67 1.91 8.92
N THR A 65 -6.40 2.56 8.01
CA THR A 65 -7.04 3.84 8.29
C THR A 65 -8.51 3.48 8.51
N ILE A 66 -9.01 3.77 9.71
CA ILE A 66 -10.34 3.31 10.11
C ILE A 66 -11.23 4.50 10.46
N TYR A 67 -12.39 4.59 9.82
CA TYR A 67 -13.37 5.62 10.16
C TYR A 67 -14.63 5.06 10.83
N ASN A 68 -14.95 5.57 12.02
CA ASN A 68 -16.17 5.18 12.74
C ASN A 68 -17.30 6.19 12.49
N SER A 69 -18.37 5.75 11.85
CA SER A 69 -19.46 6.66 11.46
C SER A 69 -20.31 7.14 12.65
N THR A 70 -20.27 6.40 13.76
CA THR A 70 -20.97 6.78 15.00
C THR A 70 -20.29 7.96 15.66
N THR A 71 -19.05 7.74 16.13
CA THR A 71 -18.27 8.77 16.82
C THR A 71 -17.78 9.86 15.87
N ARG A 72 -17.91 9.62 14.56
CA ARG A 72 -17.25 10.41 13.48
C ARG A 72 -15.74 10.62 13.71
N LYS A 73 -15.04 9.59 14.15
CA LYS A 73 -13.62 9.69 14.42
C LYS A 73 -12.90 8.72 13.53
N ALA A 74 -11.73 9.16 13.07
CA ALA A 74 -10.86 8.35 12.26
C ALA A 74 -9.66 8.01 13.10
N GLU A 75 -9.14 6.81 12.93
CA GLU A 75 -7.90 6.47 13.57
C GLU A 75 -7.06 5.72 12.56
N VAL A 76 -5.82 5.47 12.94
CA VAL A 76 -4.92 4.71 12.11
C VAL A 76 -4.30 3.63 12.98
N ILE A 77 -4.16 2.44 12.41
CA ILE A 77 -3.37 1.39 13.07
C ILE A 77 -2.06 1.12 12.35
N ASN A 78 -0.97 1.40 13.05
CA ASN A 78 0.38 1.15 12.55
C ASN A 78 0.82 -0.27 12.98
N ALA A 79 0.83 -1.18 12.02
CA ALA A 79 1.42 -2.49 12.26
C ALA A 79 2.48 -2.80 11.18
N ARG A 80 3.30 -1.80 10.86
CA ARG A 80 4.42 -1.98 9.92
C ARG A 80 5.61 -2.69 10.62
N GLU A 81 6.37 -3.46 9.85
CA GLU A 81 7.51 -4.20 10.37
C GLU A 81 8.54 -3.23 10.96
N VAL A 82 9.37 -3.73 11.88
CA VAL A 82 10.46 -2.91 12.49
C VAL A 82 11.79 -3.63 12.32
N ALA A 83 12.88 -2.86 12.26
CA ALA A 83 14.22 -3.44 12.30
C ALA A 83 14.39 -4.22 13.60
N PRO A 84 14.94 -5.42 13.51
CA PRO A 84 15.30 -6.22 14.67
C PRO A 84 16.30 -5.47 15.57
N ARG A 85 16.37 -5.91 16.83
CA ARG A 85 17.17 -5.26 17.84
C ARG A 85 18.66 -5.37 17.49
N LEU A 86 19.03 -6.37 16.69
CA LEU A 86 20.41 -6.57 16.31
C LEU A 86 20.80 -5.83 15.03
N ALA A 87 19.85 -5.13 14.41
CA ALA A 87 20.14 -4.35 13.17
C ALA A 87 20.91 -3.06 13.41
N PHE A 88 21.61 -2.60 12.38
CA PHE A 88 22.44 -1.37 12.49
C PHE A 88 22.61 -0.71 11.14
N ALA A 89 22.98 0.57 11.14
CA ALA A 89 22.93 1.40 9.93
C ALA A 89 23.71 0.81 8.76
N THR A 90 24.85 0.18 9.05
CA THR A 90 25.76 -0.28 7.99
C THR A 90 25.70 -1.80 7.79
N MET A 91 24.53 -2.39 8.06
CA MET A 91 24.42 -3.84 7.98
C MET A 91 24.51 -4.39 6.56
N PHE A 92 24.17 -3.58 5.56
CA PHE A 92 24.17 -4.02 4.14
C PHE A 92 25.23 -3.31 3.31
N ASN A 93 25.79 -4.00 2.34
CA ASN A 93 26.73 -3.36 1.39
C ASN A 93 26.35 -3.42 -0.08
N SER A 94 25.24 -4.07 -0.37
CA SER A 94 24.67 -4.02 -1.72
C SER A 94 23.15 -4.22 -1.69
N SER A 95 22.48 -3.75 -2.74
CA SER A 95 21.05 -3.99 -2.93
C SER A 95 20.69 -5.46 -2.72
N GLU A 96 21.50 -6.35 -3.29
CA GLU A 96 21.33 -7.78 -3.14
C GLU A 96 21.17 -8.21 -1.68
N GLN A 97 21.99 -7.68 -0.77
CA GLN A 97 21.95 -8.08 0.64
C GLN A 97 20.66 -7.61 1.32
N SER A 98 20.15 -6.44 0.93
CA SER A 98 18.96 -5.90 1.59
C SER A 98 17.64 -6.35 0.99
N GLN A 99 17.71 -7.16 -0.08
CA GLN A 99 16.53 -7.60 -0.85
C GLN A 99 16.24 -9.08 -0.79
N LYS A 100 17.25 -9.89 -0.47
CA LYS A 100 17.14 -11.35 -0.53
C LYS A 100 17.76 -12.05 0.69
N GLY A 101 17.08 -13.09 1.19
CA GLY A 101 17.58 -13.86 2.32
C GLY A 101 17.16 -13.29 3.68
N GLY A 102 17.57 -13.95 4.76
CA GLY A 102 17.00 -13.64 6.08
C GLY A 102 17.35 -12.27 6.64
N LEU A 103 18.51 -11.76 6.23
CA LEU A 103 18.99 -10.50 6.76
C LEU A 103 18.11 -9.35 6.22
N SER A 104 17.39 -9.61 5.13
CA SER A 104 16.51 -8.60 4.54
C SER A 104 15.17 -8.52 5.26
N VAL A 105 14.95 -9.43 6.21
CA VAL A 105 13.65 -9.58 6.89
C VAL A 105 13.54 -8.65 8.11
N ALA A 106 12.47 -7.86 8.13
CA ALA A 106 12.14 -7.06 9.32
C ALA A 106 11.08 -7.81 10.15
N VAL A 107 10.91 -7.43 11.42
CA VAL A 107 9.94 -8.10 12.31
C VAL A 107 8.49 -7.92 11.80
N PRO A 108 7.80 -9.02 11.48
CA PRO A 108 6.42 -8.87 10.93
C PRO A 108 5.42 -8.29 11.94
N GLY A 109 4.57 -7.34 11.51
CA GLY A 109 3.55 -6.82 12.41
C GLY A 109 2.12 -7.22 12.06
N GLU A 110 1.95 -7.87 10.92
CA GLU A 110 0.61 -8.16 10.40
C GLU A 110 -0.39 -8.66 11.44
N ILE A 111 -0.03 -9.79 12.07
CA ILE A 111 -0.94 -10.44 13.02
C ILE A 111 -1.25 -9.55 14.25
N ARG A 112 -0.25 -8.82 14.80
CA ARG A 112 -0.54 -7.88 15.92
C ARG A 112 -1.46 -6.75 15.47
N GLY A 113 -1.27 -6.33 14.22
CA GLY A 113 -2.16 -5.35 13.61
C GLY A 113 -3.58 -5.84 13.51
N TYR A 114 -3.78 -7.09 13.06
CA TYR A 114 -5.16 -7.65 13.02
C TYR A 114 -5.78 -7.69 14.43
N GLU A 115 -5.00 -8.21 15.38
CA GLU A 115 -5.42 -8.32 16.78
C GLU A 115 -5.89 -6.98 17.35
N LEU A 116 -5.08 -5.94 17.24
CA LEU A 116 -5.46 -4.62 17.74
C LEU A 116 -6.72 -4.06 17.05
N ALA A 117 -6.81 -4.17 15.73
CA ALA A 117 -7.95 -3.65 15.01
C ALA A 117 -9.19 -4.44 15.44
N HIS A 118 -9.00 -5.74 15.65
CA HIS A 118 -10.10 -6.59 16.08
C HIS A 118 -10.55 -6.30 17.53
N GLN A 119 -9.61 -6.14 18.46
CA GLN A 119 -9.96 -5.75 19.83
C GLN A 119 -10.80 -4.51 19.87
N ARG A 120 -10.55 -3.54 18.99
CA ARG A 120 -11.19 -2.23 19.10
C ARG A 120 -12.46 -2.17 18.28
N HIS A 121 -12.57 -3.03 17.27
CA HIS A 121 -13.64 -2.87 16.30
C HIS A 121 -14.34 -4.16 15.87
N GLY A 122 -13.84 -5.32 16.31
CA GLY A 122 -14.39 -6.61 15.87
C GLY A 122 -15.79 -6.92 16.40
N ARG A 123 -16.56 -7.69 15.62
CA ARG A 123 -17.90 -8.15 16.02
C ARG A 123 -18.11 -9.64 15.74
N LEU A 124 -17.27 -10.23 14.91
CA LEU A 124 -17.28 -11.66 14.74
C LEU A 124 -16.14 -12.22 15.58
N PRO A 125 -16.25 -13.50 16.01
CA PRO A 125 -15.11 -14.19 16.66
C PRO A 125 -13.85 -14.23 15.76
N TRP A 126 -12.67 -14.05 16.36
CA TRP A 126 -11.38 -14.20 15.68
C TRP A 126 -11.29 -15.42 14.73
N ALA A 127 -11.58 -16.60 15.24
CA ALA A 127 -11.59 -17.83 14.43
C ALA A 127 -12.38 -17.73 13.12
N ARG A 128 -13.58 -17.15 13.20
CA ARG A 128 -14.47 -16.97 12.05
C ARG A 128 -13.76 -16.21 10.90
N LEU A 129 -12.83 -15.31 11.26
CA LEU A 129 -12.10 -14.51 10.26
C LEU A 129 -11.16 -15.34 9.41
N PHE A 130 -10.62 -16.43 9.98
CA PHE A 130 -9.65 -17.31 9.28
C PHE A 130 -10.29 -18.47 8.53
N GLN A 131 -11.47 -18.90 8.98
CA GLN A 131 -12.17 -20.10 8.44
C GLN A 131 -12.23 -20.18 6.90
N PRO A 132 -12.74 -19.13 6.21
CA PRO A 132 -12.80 -19.25 4.75
C PRO A 132 -11.40 -19.40 4.09
N SER A 133 -10.39 -18.77 4.67
CA SER A 133 -9.03 -18.83 4.10
C SER A 133 -8.32 -20.16 4.37
N ILE A 134 -8.64 -20.79 5.50
CA ILE A 134 -8.12 -22.12 5.81
C ILE A 134 -8.63 -23.10 4.74
N GLN A 135 -9.92 -23.02 4.44
CA GLN A 135 -10.54 -23.85 3.40
C GLN A 135 -9.87 -23.69 2.04
N LEU A 136 -9.76 -22.43 1.64
CA LEU A 136 -9.19 -22.02 0.38
C LEU A 136 -7.76 -22.53 0.24
N ALA A 137 -6.97 -22.37 1.29
CA ALA A 137 -5.57 -22.82 1.21
C ALA A 137 -5.44 -24.35 1.12
N ARG A 138 -6.35 -25.08 1.78
CA ARG A 138 -6.29 -26.56 1.73
C ARG A 138 -6.82 -27.11 0.41
N GLN A 139 -7.97 -26.58 0.01
CA GLN A 139 -8.67 -26.98 -1.20
C GLN A 139 -7.88 -26.59 -2.49
N GLY A 140 -7.29 -25.39 -2.49
CA GLY A 140 -6.56 -24.86 -3.62
C GLY A 140 -7.44 -23.87 -4.37
N PHE A 141 -6.84 -23.12 -5.29
CA PHE A 141 -7.59 -22.17 -6.10
C PHE A 141 -6.83 -22.00 -7.43
N PRO A 142 -7.54 -21.60 -8.50
CA PRO A 142 -6.81 -21.30 -9.74
C PRO A 142 -5.97 -20.03 -9.58
N VAL A 143 -4.76 -20.02 -10.14
CA VAL A 143 -3.89 -18.86 -10.04
C VAL A 143 -4.49 -17.71 -10.87
N GLY A 144 -4.71 -16.58 -10.21
CA GLY A 144 -5.26 -15.39 -10.89
C GLY A 144 -4.26 -14.66 -11.75
N LYS A 145 -4.73 -13.62 -12.43
CA LYS A 145 -3.92 -12.83 -13.37
C LYS A 145 -2.68 -12.25 -12.72
N GLY A 146 -2.90 -11.59 -11.57
CA GLY A 146 -1.84 -10.85 -10.88
C GLY A 146 -0.71 -11.74 -10.37
N LEU A 147 -1.07 -12.84 -9.72
CA LEU A 147 -0.06 -13.77 -9.21
C LEU A 147 0.71 -14.38 -10.36
N ALA A 148 0.00 -14.83 -11.40
CA ALA A 148 0.62 -15.40 -12.62
C ALA A 148 1.69 -14.47 -13.19
N ALA A 149 1.36 -13.18 -13.34
CA ALA A 149 2.38 -12.23 -13.83
C ALA A 149 3.56 -12.06 -12.86
N ALA A 150 3.27 -12.07 -11.55
CA ALA A 150 4.36 -12.00 -10.57
C ALA A 150 5.24 -13.26 -10.63
N LEU A 151 4.59 -14.42 -10.76
CA LEU A 151 5.36 -15.68 -10.88
C LEU A 151 6.23 -15.66 -12.15
N GLU A 152 5.64 -15.25 -13.26
CA GLU A 152 6.40 -15.07 -14.52
C GLU A 152 7.59 -14.14 -14.30
N ASN A 153 7.36 -12.99 -13.66
CA ASN A 153 8.43 -12.00 -13.43
C ASN A 153 9.60 -12.55 -12.61
N LYS A 154 9.32 -13.49 -11.71
CA LYS A 154 10.31 -13.98 -10.76
C LYS A 154 10.63 -15.43 -11.01
N ARG A 155 10.31 -15.91 -12.21
CA ARG A 155 10.47 -17.32 -12.56
C ARG A 155 11.87 -17.87 -12.27
N THR A 156 12.90 -17.13 -12.64
CA THR A 156 14.26 -17.60 -12.37
C THR A 156 14.48 -17.83 -10.87
N VAL A 157 14.28 -16.81 -10.04
CA VAL A 157 14.51 -16.95 -8.58
C VAL A 157 13.62 -18.05 -7.97
N ILE A 158 12.38 -18.17 -8.45
CA ILE A 158 11.47 -19.14 -7.86
C ILE A 158 11.85 -20.58 -8.21
N GLU A 159 12.18 -20.82 -9.48
CA GLU A 159 12.53 -22.17 -9.94
C GLU A 159 13.84 -22.70 -9.36
N GLN A 160 14.75 -21.82 -8.97
CA GLN A 160 16.03 -22.26 -8.44
C GLN A 160 16.01 -22.46 -6.90
N GLN A 161 14.92 -22.02 -6.25
CA GLN A 161 14.75 -22.24 -4.81
C GLN A 161 13.67 -23.31 -4.52
N PRO A 162 14.10 -24.51 -4.10
CA PRO A 162 13.21 -25.68 -3.88
C PRO A 162 12.04 -25.43 -2.92
N VAL A 163 12.27 -24.71 -1.83
CA VAL A 163 11.20 -24.40 -0.87
C VAL A 163 10.10 -23.50 -1.45
N LEU A 164 10.43 -22.64 -2.41
CA LEU A 164 9.42 -21.83 -3.09
C LEU A 164 8.74 -22.65 -4.17
N CYS A 165 9.54 -23.45 -4.88
CA CYS A 165 9.02 -24.26 -5.98
C CYS A 165 8.03 -25.32 -5.47
N GLU A 166 8.27 -25.79 -4.24
CA GLU A 166 7.34 -26.67 -3.53
C GLU A 166 5.89 -26.19 -3.64
N VAL A 167 5.61 -24.90 -3.48
CA VAL A 167 4.21 -24.45 -3.62
C VAL A 167 3.94 -23.74 -4.93
N PHE A 168 4.96 -23.09 -5.49
CA PHE A 168 4.73 -22.20 -6.62
C PHE A 168 5.01 -22.77 -8.00
N CYS A 169 5.48 -24.02 -8.05
CA CYS A 169 5.71 -24.67 -9.34
C CYS A 169 4.78 -25.87 -9.61
N ARG A 170 4.73 -26.27 -10.88
CA ARG A 170 4.12 -27.54 -11.31
C ARG A 170 5.10 -28.11 -12.34
N ASP A 171 5.63 -29.30 -12.06
CA ASP A 171 6.63 -29.98 -12.92
C ASP A 171 7.92 -29.17 -12.98
N ARG A 172 8.30 -28.59 -11.85
CA ARG A 172 9.51 -27.76 -11.69
C ARG A 172 9.47 -26.37 -12.36
N LYS A 173 8.32 -25.96 -12.91
CA LYS A 173 8.12 -24.64 -13.58
C LYS A 173 6.99 -23.82 -12.93
N VAL A 174 7.17 -22.49 -12.84
CA VAL A 174 6.18 -21.66 -12.13
C VAL A 174 4.76 -21.90 -12.63
N LEU A 175 3.80 -21.84 -11.72
CA LEU A 175 2.40 -21.99 -12.05
C LEU A 175 1.99 -20.85 -12.97
N ARG A 176 1.03 -21.14 -13.85
CA ARG A 176 0.50 -20.18 -14.78
C ARG A 176 -0.93 -19.92 -14.41
N GLU A 177 -1.54 -18.95 -15.09
CA GLU A 177 -2.91 -18.55 -14.79
C GLU A 177 -3.94 -19.65 -15.08
N GLY A 178 -4.81 -19.90 -14.11
CA GLY A 178 -5.77 -21.00 -14.22
C GLY A 178 -5.32 -22.26 -13.50
N GLU A 179 -4.00 -22.50 -13.40
CA GLU A 179 -3.46 -23.67 -12.72
C GLU A 179 -3.66 -23.64 -11.18
N ARG A 180 -3.81 -24.81 -10.57
CA ARG A 180 -4.22 -24.89 -9.15
C ARG A 180 -3.06 -24.59 -8.18
N LEU A 181 -3.28 -23.68 -7.23
CA LEU A 181 -2.29 -23.43 -6.13
C LEU A 181 -2.85 -23.92 -4.82
N THR A 182 -2.11 -24.78 -4.14
CA THR A 182 -2.49 -25.15 -2.78
C THR A 182 -1.40 -24.63 -1.82
N LEU A 183 -1.82 -24.22 -0.62
CA LEU A 183 -0.89 -23.72 0.41
C LEU A 183 -1.16 -24.49 1.70
N PRO A 184 -0.67 -25.76 1.77
CA PRO A 184 -1.03 -26.66 2.86
C PRO A 184 -0.41 -26.30 4.21
N GLN A 185 0.83 -25.82 4.22
CA GLN A 185 1.43 -25.36 5.48
C GLN A 185 0.79 -24.07 6.03
N LEU A 186 0.58 -23.07 5.17
CA LEU A 186 -0.15 -21.86 5.60
C LEU A 186 -1.50 -22.18 6.14
N ALA A 187 -2.18 -23.11 5.48
CA ALA A 187 -3.45 -23.62 6.00
C ALA A 187 -3.34 -24.00 7.49
N ASP A 188 -2.36 -24.86 7.82
CA ASP A 188 -2.12 -25.27 9.22
C ASP A 188 -1.81 -24.05 10.11
N THR A 189 -0.97 -23.16 9.59
CA THR A 189 -0.54 -22.01 10.37
C THR A 189 -1.75 -21.12 10.63
N TYR A 190 -2.55 -20.87 9.60
CA TYR A 190 -3.76 -20.07 9.77
C TYR A 190 -4.65 -20.70 10.80
N GLU A 191 -4.71 -22.03 10.80
CA GLU A 191 -5.55 -22.73 11.77
C GLU A 191 -5.05 -22.52 13.21
N THR A 192 -3.73 -22.62 13.42
CA THR A 192 -3.15 -22.35 14.70
C THR A 192 -3.50 -20.93 15.18
N LEU A 193 -3.36 -19.96 14.27
CA LEU A 193 -3.66 -18.57 14.61
C LEU A 193 -5.10 -18.38 15.00
N ALA A 194 -5.99 -19.09 14.30
CA ALA A 194 -7.41 -18.97 14.53
C ALA A 194 -7.76 -19.42 15.95
N ILE A 195 -7.08 -20.48 16.40
CA ILE A 195 -7.42 -21.20 17.62
C ILE A 195 -6.64 -20.62 18.79
N GLU A 196 -5.33 -20.46 18.64
CA GLU A 196 -4.49 -19.98 19.72
C GLU A 196 -4.40 -18.48 19.75
N GLY A 197 -4.75 -17.83 18.66
CA GLY A 197 -4.66 -16.39 18.62
C GLY A 197 -3.30 -15.82 18.25
N ALA A 198 -3.27 -14.49 18.20
CA ALA A 198 -2.06 -13.71 17.91
C ALA A 198 -0.82 -14.15 18.68
N GLN A 199 -0.95 -14.46 19.98
CA GLN A 199 0.22 -14.90 20.78
CA GLN A 199 0.20 -14.92 20.79
C GLN A 199 0.92 -16.10 20.14
N ALA A 200 0.20 -16.93 19.40
CA ALA A 200 0.87 -18.10 18.78
C ALA A 200 2.07 -17.68 17.91
N PHE A 201 1.90 -16.56 17.20
CA PHE A 201 2.94 -16.01 16.30
C PHE A 201 4.07 -15.36 17.14
N TYR A 202 3.70 -14.50 18.09
CA TYR A 202 4.68 -13.60 18.74
C TYR A 202 5.36 -14.16 19.98
N ASN A 203 4.68 -15.09 20.67
CA ASN A 203 5.15 -15.55 21.96
C ASN A 203 4.48 -16.90 22.32
N GLY A 204 4.57 -17.88 21.41
CA GLY A 204 3.77 -19.09 21.48
C GLY A 204 4.29 -20.12 20.50
N SER A 205 3.40 -20.96 20.00
CA SER A 205 3.80 -22.19 19.32
C SER A 205 4.48 -22.02 17.94
N LEU A 206 4.29 -20.86 17.29
CA LEU A 206 4.94 -20.64 15.98
C LEU A 206 6.31 -19.97 16.09
N THR A 207 6.53 -19.36 17.24
CA THR A 207 7.62 -18.43 17.43
C THR A 207 8.98 -18.99 17.17
N ALA A 208 9.34 -20.11 17.80
CA ALA A 208 10.71 -20.66 17.67
C ALA A 208 11.02 -21.08 16.23
N GLN A 209 10.01 -21.64 15.54
CA GLN A 209 10.17 -22.01 14.12
C GLN A 209 10.39 -20.74 13.24
N ILE A 210 9.64 -19.68 13.55
CA ILE A 210 9.81 -18.42 12.78
C ILE A 210 11.28 -17.99 12.88
N VAL A 211 11.78 -17.91 14.12
CA VAL A 211 13.17 -17.49 14.41
C VAL A 211 14.15 -18.40 13.70
N LYS A 212 13.91 -19.70 13.77
CA LYS A 212 14.82 -20.64 13.12
C LYS A 212 14.84 -20.51 11.58
N ASP A 213 13.68 -20.25 10.96
CA ASP A 213 13.61 -20.04 9.49
C ASP A 213 14.32 -18.79 9.04
N ILE A 214 14.12 -17.69 9.77
CA ILE A 214 14.82 -16.42 9.44
C ILE A 214 16.35 -16.56 9.65
N GLN A 215 16.76 -17.19 10.74
CA GLN A 215 18.21 -17.38 10.99
C GLN A 215 18.88 -18.37 10.03
N ALA A 216 18.17 -19.43 9.64
CA ALA A 216 18.76 -20.38 8.67
C ALA A 216 19.09 -19.67 7.36
N ALA A 217 18.26 -18.69 6.97
CA ALA A 217 18.46 -17.96 5.71
C ALA A 217 19.43 -16.77 5.87
N GLY A 218 20.03 -16.65 7.06
CA GLY A 218 21.08 -15.68 7.33
C GLY A 218 20.64 -14.46 8.11
N GLY A 219 19.47 -14.51 8.73
CA GLY A 219 18.91 -13.33 9.37
C GLY A 219 19.23 -13.25 10.82
N ILE A 220 18.69 -12.23 11.49
CA ILE A 220 19.10 -11.87 12.86
C ILE A 220 17.94 -11.60 13.82
N VAL A 221 16.72 -11.87 13.35
CA VAL A 221 15.52 -11.74 14.16
C VAL A 221 15.61 -12.83 15.23
N THR A 222 15.25 -12.46 16.45
CA THR A 222 15.26 -13.38 17.60
C THR A 222 13.89 -13.43 18.22
N ALA A 223 13.69 -14.37 19.15
CA ALA A 223 12.42 -14.49 19.85
C ALA A 223 12.04 -13.21 20.55
N GLU A 224 13.02 -12.55 21.16
CA GLU A 224 12.75 -11.31 21.90
C GLU A 224 12.15 -10.25 20.98
N ASP A 225 12.61 -10.20 19.72
CA ASP A 225 12.11 -9.22 18.72
C ASP A 225 10.62 -9.47 18.55
N LEU A 226 10.28 -10.75 18.44
CA LEU A 226 8.87 -11.14 18.28
C LEU A 226 8.08 -10.83 19.56
N ASN A 227 8.62 -11.25 20.70
CA ASN A 227 7.95 -10.98 22.00
C ASN A 227 7.65 -9.51 22.14
N ASN A 228 8.55 -8.65 21.65
CA ASN A 228 8.44 -7.21 21.89
C ASN A 228 7.63 -6.42 20.85
N TYR A 229 7.30 -7.05 19.72
CA TYR A 229 6.56 -6.33 18.67
C TYR A 229 5.24 -5.72 19.23
N ARG A 230 4.93 -4.46 18.90
CA ARG A 230 3.63 -3.89 19.27
C ARG A 230 3.02 -3.10 18.14
N ALA A 231 1.74 -3.39 17.85
CA ALA A 231 0.97 -2.53 16.96
C ALA A 231 0.66 -1.25 17.71
N GLU A 232 0.51 -0.16 16.96
CA GLU A 232 0.25 1.12 17.59
C GLU A 232 -1.02 1.78 17.08
N LEU A 233 -1.85 2.21 18.02
CA LEU A 233 -3.04 3.03 17.76
C LEU A 233 -2.61 4.48 17.66
N ILE A 234 -3.07 5.16 16.62
CA ILE A 234 -2.82 6.59 16.43
C ILE A 234 -4.20 7.23 16.37
N GLU A 235 -4.59 7.93 17.43
CA GLU A 235 -5.92 8.53 17.52
C GLU A 235 -6.06 9.73 16.57
N HIS A 236 -4.94 10.35 16.21
CA HIS A 236 -4.98 11.54 15.36
C HIS A 236 -4.21 11.35 14.05
N PRO A 237 -4.82 10.69 13.06
CA PRO A 237 -4.14 10.62 11.76
C PRO A 237 -3.92 12.01 11.18
N LEU A 238 -3.08 12.07 10.16
CA LEU A 238 -2.99 13.24 9.33
C LEU A 238 -4.36 13.48 8.71
N ASN A 239 -4.73 14.74 8.59
CA ASN A 239 -5.85 15.08 7.75
C ASN A 239 -5.55 16.35 6.98
N ILE A 240 -6.28 16.53 5.89
CA ILE A 240 -6.30 17.80 5.20
C ILE A 240 -7.74 18.09 4.81
N SER A 241 -8.00 19.37 4.68
CA SER A 241 -9.30 19.82 4.34
C SER A 241 -9.29 19.99 2.83
N LEU A 242 -10.31 19.46 2.18
CA LEU A 242 -10.50 19.64 0.75
C LEU A 242 -11.96 20.03 0.45
N GLY A 243 -12.20 21.30 0.12
CA GLY A 243 -13.58 21.79 -0.06
C GLY A 243 -14.35 21.56 1.24
N ASP A 244 -15.47 20.86 1.13
CA ASP A 244 -16.27 20.50 2.30
C ASP A 244 -15.95 19.13 2.88
N ALA A 245 -14.73 18.64 2.67
CA ALA A 245 -14.44 17.28 3.07
C ALA A 245 -13.12 17.24 3.79
N VAL A 246 -12.94 16.21 4.60
CA VAL A 246 -11.67 15.93 5.23
C VAL A 246 -11.10 14.62 4.67
N LEU A 247 -9.78 14.54 4.57
CA LEU A 247 -9.11 13.33 4.11
C LEU A 247 -8.18 12.87 5.19
N TYR A 248 -8.41 11.65 5.67
CA TYR A 248 -7.59 11.03 6.69
C TYR A 248 -6.60 10.08 6.05
N MET A 249 -5.36 10.17 6.48
CA MET A 249 -4.29 9.35 5.93
C MET A 249 -3.19 9.29 6.97
N PRO A 250 -2.32 8.25 6.90
CA PRO A 250 -1.28 8.07 7.89
C PRO A 250 -0.14 9.03 7.65
N SER A 251 0.41 9.58 8.73
CA SER A 251 1.61 10.37 8.64
C SER A 251 2.86 9.49 8.55
N ALA A 252 4.03 10.11 8.66
CA ALA A 252 5.28 9.38 8.69
C ALA A 252 5.16 8.30 9.77
N PRO A 253 5.59 7.06 9.52
CA PRO A 253 6.52 6.71 8.44
C PRO A 253 5.89 6.41 7.09
N LEU A 254 4.58 6.57 6.95
CA LEU A 254 3.96 6.43 5.66
C LEU A 254 3.93 7.77 4.92
N SER A 255 3.34 7.80 3.72
CA SER A 255 3.45 8.95 2.79
C SER A 255 2.25 9.91 2.71
N GLY A 256 1.38 9.88 3.71
CA GLY A 256 0.36 10.91 3.85
C GLY A 256 0.85 12.33 3.64
N PRO A 257 2.02 12.71 4.24
CA PRO A 257 2.48 14.11 4.09
C PRO A 257 2.77 14.45 2.65
N VAL A 258 3.29 13.48 1.88
CA VAL A 258 3.49 13.67 0.41
C VAL A 258 2.17 13.84 -0.36
N LEU A 259 1.20 12.98 -0.05
CA LEU A 259 -0.12 13.05 -0.66
C LEU A 259 -0.78 14.38 -0.30
N ALA A 260 -0.70 14.78 0.98
CA ALA A 260 -1.25 16.04 1.47
C ALA A 260 -0.67 17.19 0.65
N LEU A 261 0.66 17.23 0.53
CA LEU A 261 1.34 18.26 -0.23
C LEU A 261 0.94 18.28 -1.73
N ILE A 262 0.89 17.11 -2.39
CA ILE A 262 0.45 17.02 -3.80
C ILE A 262 -0.92 17.68 -3.95
N LEU A 263 -1.86 17.31 -3.07
CA LEU A 263 -3.25 17.76 -3.24
C LEU A 263 -3.41 19.22 -2.87
N ASN A 264 -2.72 19.67 -1.82
CA ASN A 264 -2.79 21.06 -1.41
C ASN A 264 -2.16 21.98 -2.47
N ILE A 265 -1.07 21.53 -3.08
CA ILE A 265 -0.55 22.27 -4.23
C ILE A 265 -1.61 22.36 -5.32
N LEU A 266 -2.22 21.22 -5.70
CA LEU A 266 -3.14 21.23 -6.84
C LEU A 266 -4.51 21.91 -6.60
N LYS A 267 -4.94 21.96 -5.35
CA LYS A 267 -6.25 22.50 -5.06
C LYS A 267 -6.35 23.98 -5.46
N GLY A 268 -5.27 24.72 -5.32
CA GLY A 268 -5.24 26.12 -5.76
C GLY A 268 -5.43 26.38 -7.27
N TYR A 269 -5.32 25.36 -8.13
CA TYR A 269 -5.68 25.51 -9.56
C TYR A 269 -7.19 25.33 -9.86
N ASN A 270 -7.97 24.89 -8.87
CA ASN A 270 -9.42 24.72 -9.03
C ASN A 270 -9.80 23.84 -10.21
N PHE A 271 -9.24 22.64 -10.27
CA PHE A 271 -9.55 21.70 -11.35
C PHE A 271 -11.04 21.32 -11.33
N SER A 272 -11.56 21.01 -12.51
CA SER A 272 -12.93 20.53 -12.66
C SER A 272 -12.96 19.76 -13.97
N ARG A 273 -14.15 19.37 -14.43
CA ARG A 273 -14.31 18.67 -15.70
C ARG A 273 -13.70 19.48 -16.82
N GLU A 274 -13.79 20.80 -16.70
CA GLU A 274 -13.23 21.67 -17.71
C GLU A 274 -11.72 21.49 -17.85
N SER A 275 -11.03 21.23 -16.74
CA SER A 275 -9.57 21.03 -16.74
C SER A 275 -9.07 19.97 -17.74
N VAL A 276 -9.96 19.08 -18.17
CA VAL A 276 -9.62 17.99 -19.10
C VAL A 276 -10.52 17.92 -20.35
N GLU A 277 -11.22 19.02 -20.65
CA GLU A 277 -12.23 19.08 -21.71
C GLU A 277 -11.66 19.29 -23.11
N SER A 278 -10.57 20.03 -23.20
CA SER A 278 -9.91 20.24 -24.47
C SER A 278 -8.46 19.78 -24.31
N PRO A 279 -7.78 19.41 -25.42
CA PRO A 279 -6.34 19.07 -25.42
C PRO A 279 -5.41 20.15 -24.84
N GLU A 280 -5.72 21.41 -25.10
CA GLU A 280 -4.94 22.53 -24.53
C GLU A 280 -5.01 22.57 -23.01
N GLN A 281 -6.22 22.42 -22.46
CA GLN A 281 -6.41 22.39 -21.01
C GLN A 281 -5.88 21.10 -20.38
N LYS A 282 -6.24 19.98 -20.95
CA LYS A 282 -5.81 18.68 -20.50
C LYS A 282 -4.30 18.64 -20.34
N GLY A 283 -3.58 19.12 -21.35
CA GLY A 283 -2.14 19.03 -21.40
C GLY A 283 -1.52 19.89 -20.32
N LEU A 284 -2.04 21.10 -20.14
CA LEU A 284 -1.59 21.97 -19.06
C LEU A 284 -1.90 21.35 -17.70
N THR A 285 -3.09 20.76 -17.58
CA THR A 285 -3.51 20.13 -16.34
C THR A 285 -2.52 19.02 -15.90
N TYR A 286 -2.19 18.11 -16.82
CA TYR A 286 -1.29 17.04 -16.49
C TYR A 286 0.12 17.56 -16.23
N HIS A 287 0.56 18.59 -16.97
CA HIS A 287 1.84 19.19 -16.69
C HIS A 287 1.86 19.64 -15.24
N ARG A 288 0.83 20.37 -14.83
CA ARG A 288 0.74 20.85 -13.46
C ARG A 288 0.77 19.73 -12.41
N ILE A 289 0.10 18.61 -12.71
CA ILE A 289 0.09 17.45 -11.84
C ILE A 289 1.53 16.95 -11.61
N VAL A 290 2.27 16.76 -12.70
CA VAL A 290 3.63 16.22 -12.64
C VAL A 290 4.59 17.12 -11.84
N GLU A 291 4.41 18.43 -12.00
CA GLU A 291 5.24 19.43 -11.30
C GLU A 291 4.96 19.44 -9.80
N ALA A 292 3.67 19.29 -9.46
CA ALA A 292 3.24 19.12 -8.06
C ALA A 292 3.85 17.85 -7.49
N PHE A 293 3.93 16.79 -8.30
CA PHE A 293 4.59 15.54 -7.86
C PHE A 293 6.04 15.88 -7.50
N ARG A 294 6.69 16.66 -8.38
CA ARG A 294 8.12 16.93 -8.23
C ARG A 294 8.38 17.79 -7.00
N PHE A 295 7.60 18.85 -6.82
CA PHE A 295 7.69 19.65 -5.59
C PHE A 295 7.42 18.82 -4.32
N ALA A 296 6.45 17.91 -4.39
CA ALA A 296 6.07 17.12 -3.23
C ALA A 296 7.20 16.15 -2.87
N TYR A 297 7.89 15.62 -3.88
CA TYR A 297 8.95 14.66 -3.58
C TYR A 297 10.22 15.30 -3.04
N ALA A 298 10.40 16.61 -3.26
CA ALA A 298 11.61 17.30 -2.85
C ALA A 298 11.78 17.21 -1.33
N LYS A 299 10.65 17.20 -0.69
CA LYS A 299 10.54 17.32 0.75
C LYS A 299 10.64 15.94 1.40
N ARG A 300 10.28 14.91 0.63
CA ARG A 300 10.11 13.53 1.12
C ARG A 300 11.35 12.93 1.79
N THR A 301 12.52 13.26 1.26
CA THR A 301 13.79 12.75 1.79
C THR A 301 14.16 13.28 3.17
N LEU A 302 13.35 14.15 3.76
CA LEU A 302 13.61 14.54 5.16
C LEU A 302 12.78 13.68 6.12
N LEU A 303 11.89 12.84 5.57
CA LEU A 303 10.99 11.97 6.34
C LEU A 303 11.64 10.65 6.82
N GLY A 304 11.15 10.16 7.95
CA GLY A 304 11.61 8.93 8.52
C GLY A 304 10.69 8.65 9.70
N ASP A 305 10.95 7.53 10.35
CA ASP A 305 10.19 7.10 11.54
C ASP A 305 10.21 8.20 12.60
N PRO A 306 9.04 8.79 12.91
CA PRO A 306 8.97 9.95 13.79
C PRO A 306 9.42 9.70 15.23
N LYS A 307 9.50 8.44 15.65
CA LYS A 307 10.05 8.10 16.97
C LYS A 307 11.58 8.19 17.01
N PHE A 308 12.21 8.10 15.85
CA PHE A 308 13.68 8.23 15.74
C PHE A 308 14.13 9.55 15.09
N VAL A 309 13.25 10.18 14.31
CA VAL A 309 13.59 11.40 13.57
C VAL A 309 12.58 12.45 13.99
N ASP A 310 13.03 13.67 14.23
CA ASP A 310 12.08 14.76 14.47
C ASP A 310 11.50 15.27 13.12
N VAL A 311 10.23 14.94 12.84
CA VAL A 311 9.62 15.33 11.58
C VAL A 311 8.47 16.30 11.69
N THR A 312 8.23 16.83 12.88
CA THR A 312 7.05 17.68 13.14
C THR A 312 7.02 18.93 12.26
N GLU A 313 8.17 19.60 12.12
CA GLU A 313 8.31 20.80 11.25
C GLU A 313 8.14 20.45 9.79
N VAL A 314 8.85 19.41 9.36
CA VAL A 314 8.77 18.96 7.97
C VAL A 314 7.31 18.66 7.63
N VAL A 315 6.66 17.87 8.48
CA VAL A 315 5.29 17.44 8.25
C VAL A 315 4.34 18.63 8.30
N ARG A 316 4.62 19.58 9.19
CA ARG A 316 3.80 20.79 9.32
C ARG A 316 3.83 21.59 8.01
N ASN A 317 5.00 21.75 7.43
CA ASN A 317 5.11 22.36 6.12
C ASN A 317 4.38 21.63 5.02
N MET A 318 4.63 20.32 4.93
CA MET A 318 4.01 19.50 3.91
C MET A 318 2.48 19.51 3.93
N THR A 319 1.85 19.75 5.09
CA THR A 319 0.37 19.80 5.20
C THR A 319 -0.23 21.22 5.23
N SER A 320 0.62 22.24 5.12
CA SER A 320 0.23 23.64 5.14
C SER A 320 -0.13 24.14 3.76
N GLU A 321 -1.31 24.76 3.66
CA GLU A 321 -1.82 25.31 2.40
C GLU A 321 -1.02 26.53 1.92
N PHE A 322 -0.56 27.33 2.87
CA PHE A 322 0.32 28.43 2.56
C PHE A 322 1.60 27.94 1.87
N PHE A 323 2.21 26.90 2.44
CA PHE A 323 3.48 26.41 1.95
C PHE A 323 3.27 25.81 0.56
N ALA A 324 2.15 25.14 0.39
CA ALA A 324 1.74 24.61 -0.91
C ALA A 324 1.48 25.73 -1.92
N ALA A 325 0.93 26.85 -1.46
CA ALA A 325 0.71 28.01 -2.33
C ALA A 325 2.06 28.55 -2.82
N GLN A 326 3.06 28.56 -1.94
CA GLN A 326 4.46 28.95 -2.31
C GLN A 326 5.08 28.04 -3.37
N LEU A 327 4.83 26.74 -3.27
CA LEU A 327 5.32 25.83 -4.28
C LEU A 327 4.54 25.96 -5.59
N ARG A 328 3.20 26.05 -5.52
CA ARG A 328 2.38 26.29 -6.72
CA ARG A 328 2.36 26.30 -6.69
C ARG A 328 2.79 27.53 -7.51
N ALA A 329 3.19 28.59 -6.83
CA ALA A 329 3.63 29.81 -7.55
C ALA A 329 4.98 29.63 -8.26
N GLN A 330 5.70 28.56 -7.94
CA GLN A 330 6.93 28.26 -8.65
C GLN A 330 6.76 27.26 -9.81
N ILE A 331 5.56 26.75 -10.00
CA ILE A 331 5.27 25.92 -11.17
C ILE A 331 5.07 26.81 -12.40
N SER A 332 5.96 26.66 -13.38
CA SER A 332 5.88 27.38 -14.65
C SER A 332 5.00 26.59 -15.57
N ASP A 333 4.04 27.27 -16.19
CA ASP A 333 3.06 26.58 -17.02
C ASP A 333 3.61 26.07 -18.36
N ASP A 334 4.77 26.59 -18.76
CA ASP A 334 5.36 26.34 -20.06
C ASP A 334 6.61 25.45 -20.01
N THR A 335 7.07 25.08 -18.82
CA THR A 335 8.27 24.22 -18.75
C THR A 335 8.39 23.46 -17.44
N THR A 336 8.99 22.27 -17.51
CA THR A 336 9.49 21.62 -16.32
C THR A 336 10.89 22.16 -16.00
N HIS A 337 11.46 21.77 -14.86
CA HIS A 337 12.76 22.32 -14.43
C HIS A 337 13.79 21.22 -14.04
N PRO A 338 15.05 21.61 -13.85
CA PRO A 338 16.02 20.62 -13.39
C PRO A 338 15.81 20.31 -11.90
N ILE A 339 16.39 19.21 -11.44
CA ILE A 339 16.18 18.70 -10.09
C ILE A 339 16.36 19.79 -9.02
N SER A 340 17.40 20.61 -9.15
CA SER A 340 17.77 21.56 -8.09
C SER A 340 16.75 22.65 -7.92
N TYR A 341 15.96 22.87 -8.95
CA TYR A 341 14.95 23.89 -8.91
C TYR A 341 13.92 23.64 -7.79
N TYR A 342 13.66 22.36 -7.49
CA TYR A 342 12.65 21.96 -6.52
C TYR A 342 13.16 21.93 -5.08
N LYS A 343 14.45 22.23 -4.93
CA LYS A 343 15.14 22.24 -3.65
C LYS A 343 14.96 20.96 -2.84
N PRO A 344 15.27 19.80 -3.42
CA PRO A 344 15.30 18.58 -2.58
C PRO A 344 16.27 18.73 -1.44
N GLU A 345 15.91 18.22 -0.26
CA GLU A 345 16.80 18.32 0.91
C GLU A 345 17.05 16.97 1.52
N PHE A 346 18.30 16.74 1.90
CA PHE A 346 18.75 15.48 2.53
C PHE A 346 19.17 15.58 4.02
N TYR A 347 19.21 16.79 4.57
CA TYR A 347 19.45 17.04 6.02
C TYR A 347 18.63 18.24 6.47
N THR A 348 18.20 18.30 7.74
CA THR A 348 17.52 19.52 8.24
C THR A 348 18.52 20.42 8.98
N THR B 1 2.87 -5.41 -2.21
N THR B 1 3.10 -4.87 -1.64
CA THR B 1 1.92 -4.47 -1.53
CA THR B 1 1.84 -4.13 -1.31
C THR B 1 0.50 -4.70 -2.06
C THR B 1 0.57 -4.73 -1.95
N ALA B 2 -0.51 -4.73 -1.18
CA ALA B 2 -1.88 -4.92 -1.67
C ALA B 2 -2.72 -3.89 -0.94
N HIS B 3 -3.74 -3.38 -1.62
CA HIS B 3 -4.67 -2.45 -1.03
C HIS B 3 -6.08 -2.92 -1.06
N LEU B 4 -6.77 -2.69 0.05
CA LEU B 4 -8.13 -3.13 0.23
C LEU B 4 -9.00 -1.96 0.78
N SER B 5 -10.20 -1.78 0.23
CA SER B 5 -11.15 -0.75 0.73
C SER B 5 -12.47 -1.38 1.14
N VAL B 6 -12.98 -1.00 2.31
CA VAL B 6 -14.24 -1.53 2.83
C VAL B 6 -15.14 -0.40 3.34
N VAL B 7 -16.40 -0.43 2.91
CA VAL B 7 -17.48 0.31 3.60
C VAL B 7 -18.59 -0.60 4.18
N ALA B 8 -18.82 -0.54 5.49
CA ALA B 8 -19.92 -1.34 6.06
C ALA B 8 -21.29 -0.62 6.02
N GLU B 9 -22.34 -1.38 6.33
CA GLU B 9 -23.70 -0.87 6.30
C GLU B 9 -23.91 0.32 7.24
N ASP B 10 -23.30 0.30 8.42
CA ASP B 10 -23.42 1.44 9.34
C ASP B 10 -22.69 2.72 8.85
N GLY B 11 -22.01 2.65 7.70
CA GLY B 11 -21.24 3.80 7.19
C GLY B 11 -19.79 3.87 7.69
N SER B 12 -19.40 2.92 8.52
CA SER B 12 -18.00 2.84 8.93
C SER B 12 -17.17 2.31 7.76
N ALA B 13 -15.87 2.64 7.75
CA ALA B 13 -15.01 2.26 6.61
C ALA B 13 -13.61 1.89 7.08
N VAL B 14 -12.93 1.08 6.26
CA VAL B 14 -11.52 0.73 6.43
C VAL B 14 -10.75 0.88 5.12
N SER B 15 -9.61 1.59 5.20
CA SER B 15 -8.64 1.60 4.13
C SER B 15 -7.37 0.89 4.62
N ALA B 16 -6.98 -0.16 3.91
CA ALA B 16 -5.96 -1.08 4.44
C ALA B 16 -4.97 -1.37 3.35
N THR B 17 -3.72 -0.99 3.58
CA THR B 17 -2.61 -1.36 2.71
C THR B 17 -1.63 -2.18 3.54
N SER B 18 -1.27 -3.32 2.97
CA SER B 18 -0.43 -4.33 3.60
C SER B 18 0.62 -4.81 2.62
N THR B 19 1.76 -5.28 3.13
CA THR B 19 2.91 -5.54 2.24
C THR B 19 3.97 -6.46 2.83
N ILE B 20 4.63 -7.23 1.96
CA ILE B 20 5.91 -7.91 2.26
C ILE B 20 7.09 -7.28 1.48
N ASN B 21 6.79 -6.11 0.91
CA ASN B 21 7.69 -5.32 0.11
C ASN B 21 7.83 -5.82 -1.33
N LEU B 22 8.97 -6.35 -1.74
CA LEU B 22 9.08 -6.71 -3.17
C LEU B 22 8.28 -7.99 -3.42
N TYR B 23 8.17 -8.40 -4.69
CA TYR B 23 7.45 -9.63 -5.04
C TYR B 23 8.05 -10.81 -4.30
N PHE B 24 7.21 -11.57 -3.57
CA PHE B 24 7.64 -12.71 -2.73
C PHE B 24 8.66 -12.32 -1.63
N GLY B 25 8.72 -11.03 -1.31
CA GLY B 25 9.48 -10.53 -0.16
C GLY B 25 10.94 -10.92 -0.22
N SER B 26 11.43 -11.44 0.90
CA SER B 26 12.82 -11.92 1.00
C SER B 26 13.12 -13.16 0.13
N LYS B 27 12.08 -13.79 -0.43
CA LYS B 27 12.19 -15.08 -1.09
C LYS B 27 12.52 -16.19 -0.08
N VAL B 28 12.32 -15.90 1.22
CA VAL B 28 12.42 -16.91 2.30
C VAL B 28 11.05 -17.39 2.73
N ARG B 29 10.74 -18.64 2.33
CA ARG B 29 9.53 -19.33 2.75
C ARG B 29 9.87 -20.35 3.85
N SER B 30 9.10 -20.37 4.93
CA SER B 30 9.25 -21.47 5.88
C SER B 30 8.72 -22.80 5.29
N PRO B 31 9.59 -23.83 5.21
CA PRO B 31 9.13 -25.15 4.76
C PRO B 31 8.13 -25.80 5.74
N VAL B 32 8.14 -25.36 6.99
CA VAL B 32 7.28 -25.89 8.05
C VAL B 32 5.97 -25.12 8.18
N SER B 33 6.05 -23.78 8.29
CA SER B 33 4.87 -22.95 8.53
C SER B 33 4.27 -22.40 7.25
N GLY B 34 5.09 -22.35 6.21
CA GLY B 34 4.67 -21.77 4.93
C GLY B 34 4.67 -20.24 4.89
N ILE B 35 5.01 -19.59 6.00
CA ILE B 35 5.15 -18.14 6.01
C ILE B 35 6.20 -17.66 5.01
N LEU B 36 5.85 -16.62 4.27
CA LEU B 36 6.75 -16.01 3.31
C LEU B 36 7.15 -14.67 3.93
N PHE B 37 8.44 -14.54 4.24
CA PHE B 37 8.97 -13.38 4.97
C PHE B 37 9.25 -12.16 4.10
N ASN B 38 8.89 -10.98 4.64
CA ASN B 38 9.08 -9.70 4.00
C ASN B 38 10.52 -9.43 3.73
N ASN B 39 10.81 -8.52 2.78
CA ASN B 39 12.14 -7.86 2.76
C ASN B 39 11.97 -6.38 3.00
N GLU B 40 11.23 -6.05 4.05
CA GLU B 40 11.03 -4.67 4.41
C GLU B 40 12.31 -3.91 4.80
N MET B 41 13.40 -4.63 5.12
CA MET B 41 14.70 -3.92 5.42
C MET B 41 15.15 -3.08 4.22
N ASP B 42 14.74 -3.49 3.02
CA ASP B 42 15.15 -2.81 1.81
C ASP B 42 14.46 -1.46 1.66
N ASP B 43 13.41 -1.16 2.44
CA ASP B 43 12.81 0.16 2.38
C ASP B 43 13.61 1.17 3.21
N PHE B 44 14.63 0.70 3.92
CA PHE B 44 15.55 1.66 4.54
C PHE B 44 16.54 2.19 3.50
N SER B 45 17.05 3.37 3.77
CA SER B 45 18.17 3.93 3.01
C SER B 45 19.50 3.41 3.61
N SER B 46 20.53 3.16 2.80
CA SER B 46 21.84 2.66 3.35
C SER B 46 23.00 3.46 2.77
N PRO B 47 23.91 4.00 3.64
CA PRO B 47 25.05 4.89 3.19
C PRO B 47 25.99 4.27 2.13
N SER B 48 26.29 2.99 2.28
CA SER B 48 27.07 2.24 1.29
C SER B 48 26.34 2.09 -0.08
N ILE B 49 25.20 1.41 -0.09
CA ILE B 49 24.41 1.21 -1.32
C ILE B 49 24.13 2.53 -2.09
N THR B 50 24.43 2.52 -3.39
CA THR B 50 24.03 3.60 -4.29
C THR B 50 22.62 3.30 -4.82
N ASN B 51 21.66 4.11 -4.40
CA ASN B 51 20.25 3.84 -4.70
C ASN B 51 19.93 3.97 -6.20
N GLU B 52 20.19 5.17 -6.73
CA GLU B 52 20.06 5.49 -8.15
C GLU B 52 21.34 6.22 -8.60
N PHE B 53 21.48 6.45 -9.89
CA PHE B 53 22.55 7.29 -10.40
C PHE B 53 22.25 8.74 -10.00
N GLY B 54 23.11 9.32 -9.17
CA GLY B 54 22.91 10.67 -8.65
C GLY B 54 22.09 10.81 -7.37
N VAL B 55 21.34 9.77 -6.99
CA VAL B 55 20.51 9.77 -5.76
C VAL B 55 21.35 9.39 -4.53
N PRO B 56 21.42 10.31 -3.54
CA PRO B 56 22.15 10.06 -2.31
C PRO B 56 21.28 9.34 -1.29
N PRO B 57 21.92 8.71 -0.30
CA PRO B 57 21.33 8.24 0.95
C PRO B 57 20.61 9.36 1.69
N SER B 58 19.47 9.02 2.28
CA SER B 58 18.69 9.92 3.13
C SER B 58 18.83 9.52 4.61
N PRO B 59 19.64 10.26 5.39
CA PRO B 59 19.92 9.95 6.81
C PRO B 59 18.69 9.82 7.70
N ALA B 60 17.60 10.53 7.38
CA ALA B 60 16.36 10.36 8.13
C ALA B 60 15.82 8.90 8.08
N ASN B 61 16.17 8.15 7.03
CA ASN B 61 15.62 6.81 6.76
C ASN B 61 16.69 5.66 6.83
N PHE B 62 17.80 5.92 7.55
CA PHE B 62 18.78 4.87 7.84
C PHE B 62 18.20 3.88 8.86
N ILE B 63 18.70 2.64 8.82
CA ILE B 63 18.39 1.59 9.75
C ILE B 63 18.83 1.93 11.16
N GLN B 64 17.95 1.75 12.16
CA GLN B 64 18.34 1.67 13.56
C GLN B 64 17.54 0.52 14.18
N PRO B 65 18.08 -0.15 15.24
CA PRO B 65 17.22 -1.20 15.85
C PRO B 65 15.87 -0.62 16.34
N GLY B 66 14.76 -1.34 16.09
CA GLY B 66 13.42 -0.91 16.49
C GLY B 66 12.81 0.23 15.66
N LYS B 67 13.46 0.59 14.54
CA LYS B 67 13.00 1.65 13.67
C LYS B 67 12.16 1.07 12.53
N GLN B 68 11.16 1.84 12.09
CA GLN B 68 10.30 1.44 10.95
C GLN B 68 10.75 2.16 9.68
N PRO B 69 10.89 1.42 8.58
CA PRO B 69 11.34 2.10 7.34
C PRO B 69 10.23 2.94 6.71
N LEU B 70 10.61 4.05 6.07
CA LEU B 70 9.73 4.89 5.30
C LEU B 70 9.01 4.02 4.25
N SER B 71 7.78 4.42 3.86
CA SER B 71 6.91 3.65 2.98
C SER B 71 6.08 4.55 2.08
N SER B 72 5.86 4.13 0.83
CA SER B 72 5.09 4.93 -0.10
CA SER B 72 5.08 4.89 -0.14
C SER B 72 3.59 4.75 0.11
N MET B 73 3.22 3.79 0.96
CA MET B 73 1.82 3.46 1.16
C MET B 73 1.05 4.65 1.71
N CYS B 74 -0.24 4.73 1.39
CA CYS B 74 -1.07 5.83 1.81
CA CYS B 74 -1.08 5.82 1.93
C CYS B 74 -2.58 5.52 1.92
N PRO B 75 -2.97 4.53 2.73
CA PRO B 75 -4.41 4.25 2.76
C PRO B 75 -5.26 5.41 3.33
N THR B 76 -6.26 5.83 2.55
CA THR B 76 -6.91 7.11 2.76
C THR B 76 -8.44 6.95 2.86
N ILE B 77 -9.06 7.75 3.73
CA ILE B 77 -10.52 7.89 3.79
C ILE B 77 -10.97 9.38 3.70
N MET B 78 -11.87 9.65 2.78
CA MET B 78 -12.43 10.99 2.62
C MET B 78 -13.83 11.01 3.25
N VAL B 79 -14.04 11.94 4.19
CA VAL B 79 -15.32 12.08 4.91
C VAL B 79 -15.90 13.47 4.63
N GLY B 80 -17.20 13.54 4.32
CA GLY B 80 -17.86 14.82 3.98
C GLY B 80 -18.15 15.54 5.27
N GLN B 81 -18.45 16.84 5.20
CA GLN B 81 -18.71 17.65 6.41
C GLN B 81 -19.86 17.10 7.25
N ASP B 82 -20.80 16.43 6.59
CA ASP B 82 -21.94 15.78 7.27
C ASP B 82 -21.60 14.50 8.03
N GLY B 83 -20.34 14.05 7.95
CA GLY B 83 -19.94 12.89 8.72
C GLY B 83 -20.04 11.59 7.95
N GLN B 84 -20.55 11.64 6.73
CA GLN B 84 -20.61 10.44 5.88
C GLN B 84 -19.36 10.28 5.02
N VAL B 85 -18.90 9.05 4.90
CA VAL B 85 -17.77 8.68 4.03
C VAL B 85 -18.07 9.01 2.58
N ARG B 86 -17.14 9.73 1.95
CA ARG B 86 -17.22 10.03 0.49
C ARG B 86 -16.37 9.12 -0.41
N MET B 87 -15.23 8.64 0.09
CA MET B 87 -14.33 7.86 -0.73
C MET B 87 -13.43 7.04 0.16
N VAL B 88 -13.12 5.83 -0.27
CA VAL B 88 -12.18 4.96 0.48
C VAL B 88 -11.21 4.50 -0.59
N VAL B 89 -9.92 4.79 -0.43
CA VAL B 89 -8.99 4.64 -1.58
C VAL B 89 -7.54 4.44 -1.12
N GLY B 90 -6.77 3.73 -1.94
CA GLY B 90 -5.39 3.44 -1.66
C GLY B 90 -4.82 2.69 -2.85
N ALA B 91 -3.49 2.54 -2.87
CA ALA B 91 -2.83 1.85 -3.96
C ALA B 91 -1.74 0.92 -3.46
N ALA B 92 -1.27 0.11 -4.39
CA ALA B 92 -0.25 -0.87 -4.17
C ALA B 92 0.60 -0.78 -5.43
N GLY B 93 1.76 -1.43 -5.41
CA GLY B 93 2.56 -1.53 -6.62
C GLY B 93 3.79 -0.66 -6.67
N GLY B 94 4.51 -0.57 -5.56
CA GLY B 94 5.86 -0.06 -5.63
C GLY B 94 5.97 1.41 -5.33
N THR B 95 6.88 2.04 -6.04
CA THR B 95 7.20 3.42 -5.80
C THR B 95 6.05 4.39 -6.20
N GLN B 96 5.11 3.92 -7.01
CA GLN B 96 4.07 4.80 -7.55
C GLN B 96 2.78 4.83 -6.77
N ILE B 97 2.78 4.26 -5.58
CA ILE B 97 1.57 4.24 -4.74
C ILE B 97 0.98 5.64 -4.41
N THR B 98 1.83 6.57 -4.02
CA THR B 98 1.35 7.85 -3.53
C THR B 98 0.81 8.68 -4.66
N THR B 99 1.52 8.72 -5.80
CA THR B 99 1.00 9.41 -6.99
C THR B 99 -0.26 8.75 -7.61
N ALA B 100 -0.34 7.41 -7.57
CA ALA B 100 -1.54 6.72 -8.06
C ALA B 100 -2.72 7.06 -7.18
N THR B 101 -2.51 7.06 -5.84
CA THR B 101 -3.55 7.50 -4.92
C THR B 101 -4.00 8.96 -5.16
N ALA B 102 -3.04 9.87 -5.35
CA ALA B 102 -3.39 11.23 -5.74
C ALA B 102 -4.21 11.24 -7.02
N LEU B 103 -3.76 10.53 -8.04
CA LEU B 103 -4.50 10.54 -9.32
C LEU B 103 -5.93 10.01 -9.18
N ALA B 104 -6.12 8.87 -8.52
CA ALA B 104 -7.48 8.37 -8.29
C ALA B 104 -8.38 9.45 -7.65
N ILE B 105 -7.86 10.16 -6.65
CA ILE B 105 -8.63 11.21 -5.96
C ILE B 105 -8.93 12.39 -6.93
N ILE B 106 -7.90 12.94 -7.56
CA ILE B 106 -8.07 13.98 -8.60
C ILE B 106 -9.13 13.61 -9.67
N TYR B 107 -9.02 12.39 -10.19
CA TYR B 107 -9.90 11.90 -11.24
C TYR B 107 -11.36 11.91 -10.80
N ASN B 108 -11.62 11.45 -9.58
CA ASN B 108 -12.98 11.36 -9.14
C ASN B 108 -13.47 12.67 -8.54
N LEU B 109 -12.68 13.29 -7.67
CA LEU B 109 -13.14 14.44 -6.96
C LEU B 109 -13.21 15.69 -7.87
N TRP B 110 -12.22 15.85 -8.75
CA TRP B 110 -12.11 17.04 -9.60
C TRP B 110 -12.54 16.86 -11.03
N PHE B 111 -12.15 15.76 -11.68
CA PHE B 111 -12.43 15.61 -13.09
C PHE B 111 -13.84 15.05 -13.29
N GLY B 112 -14.44 14.58 -12.20
CA GLY B 112 -15.78 14.03 -12.22
C GLY B 112 -15.89 12.64 -12.80
N TYR B 113 -14.78 11.87 -12.84
CA TYR B 113 -14.82 10.48 -13.31
C TYR B 113 -15.45 9.57 -12.28
N ASP B 114 -16.34 8.69 -12.72
CA ASP B 114 -16.90 7.73 -11.77
C ASP B 114 -15.78 6.79 -11.31
N VAL B 115 -16.02 6.09 -10.21
CA VAL B 115 -14.98 5.33 -9.54
C VAL B 115 -14.28 4.30 -10.44
N LYS B 116 -15.05 3.53 -11.24
CA LYS B 116 -14.43 2.58 -12.13
C LYS B 116 -13.55 3.29 -13.15
N ARG B 117 -14.03 4.39 -13.73
CA ARG B 117 -13.20 5.13 -14.67
C ARG B 117 -11.94 5.72 -13.97
N ALA B 118 -12.12 6.22 -12.74
CA ALA B 118 -11.04 6.77 -11.94
C ALA B 118 -9.91 5.73 -11.67
N VAL B 119 -10.31 4.48 -11.50
CA VAL B 119 -9.40 3.36 -11.27
C VAL B 119 -8.74 2.92 -12.54
N GLU B 120 -9.48 2.94 -13.64
CA GLU B 120 -8.98 2.41 -14.91
C GLU B 120 -8.22 3.43 -15.75
N GLU B 121 -8.51 4.72 -15.53
CA GLU B 121 -7.87 5.80 -16.30
C GLU B 121 -6.34 5.64 -16.29
N PRO B 122 -5.69 5.90 -17.44
CA PRO B 122 -4.23 5.81 -17.50
C PRO B 122 -3.51 6.74 -16.50
N ARG B 123 -2.35 6.29 -16.02
CA ARG B 123 -1.64 7.05 -14.97
C ARG B 123 -0.26 7.49 -15.41
N LEU B 124 0.34 8.38 -14.64
CA LEU B 124 1.71 8.74 -14.89
C LEU B 124 2.40 9.01 -13.57
N HIS B 125 3.73 9.07 -13.63
CA HIS B 125 4.49 9.15 -12.41
C HIS B 125 5.77 9.90 -12.64
N ASN B 126 6.08 10.79 -11.69
CA ASN B 126 7.39 11.41 -11.61
C ASN B 126 7.68 11.59 -10.12
N GLN B 127 8.88 11.22 -9.67
CA GLN B 127 9.25 11.39 -8.26
C GLN B 127 10.50 12.24 -8.04
N LEU B 128 10.84 13.06 -9.02
CA LEU B 128 11.96 14.00 -8.93
C LEU B 128 13.27 13.26 -9.22
N LEU B 129 13.58 12.27 -8.39
CA LEU B 129 14.76 11.42 -8.58
C LEU B 129 14.26 9.99 -8.60
N PRO B 130 14.42 9.26 -9.70
CA PRO B 130 15.04 9.75 -10.93
C PRO B 130 14.17 10.73 -11.72
N ASN B 131 14.81 11.35 -12.69
CA ASN B 131 14.37 12.54 -13.35
C ASN B 131 13.70 12.28 -14.67
N VAL B 132 12.56 11.58 -14.62
CA VAL B 132 11.87 11.07 -15.81
C VAL B 132 10.39 10.89 -15.50
N THR B 133 9.53 11.27 -16.43
CA THR B 133 8.10 11.07 -16.30
C THR B 133 7.66 9.79 -17.00
N THR B 134 7.12 8.85 -16.23
CA THR B 134 6.63 7.59 -16.77
C THR B 134 5.13 7.72 -17.03
N VAL B 135 4.70 7.29 -18.22
CA VAL B 135 3.28 7.28 -18.57
C VAL B 135 2.87 5.86 -18.92
N GLU B 136 1.60 5.52 -18.69
CA GLU B 136 1.09 4.23 -19.11
C GLU B 136 0.85 4.19 -20.62
N ARG B 137 0.94 2.99 -21.17
CA ARG B 137 0.77 2.67 -22.59
C ARG B 137 -0.38 3.39 -23.27
N ASN B 138 -1.52 3.50 -22.62
CA ASN B 138 -2.69 4.02 -23.32
C ASN B 138 -3.09 5.40 -22.88
N ILE B 139 -2.13 6.15 -22.33
CA ILE B 139 -2.33 7.56 -22.00
C ILE B 139 -2.71 8.37 -23.26
N ASP B 140 -3.67 9.29 -23.13
CA ASP B 140 -3.98 10.23 -24.20
C ASP B 140 -2.66 10.87 -24.71
N GLN B 141 -2.34 10.62 -25.97
CA GLN B 141 -1.08 11.09 -26.51
C GLN B 141 -1.02 12.58 -26.73
N ALA B 142 -2.13 13.28 -26.53
CA ALA B 142 -2.06 14.76 -26.44
C ALA B 142 -1.38 15.16 -25.08
N VAL B 143 -1.53 14.30 -24.07
CA VAL B 143 -0.86 14.54 -22.78
C VAL B 143 0.65 14.33 -22.97
N THR B 144 1.01 13.25 -23.65
CA THR B 144 2.41 12.97 -23.92
C THR B 144 3.03 14.15 -24.68
N ALA B 145 2.29 14.68 -25.66
CA ALA B 145 2.78 15.83 -26.46
C ALA B 145 2.89 17.07 -25.59
N ALA B 146 1.90 17.30 -24.74
CA ALA B 146 1.91 18.46 -23.85
C ALA B 146 3.07 18.44 -22.84
N LEU B 147 3.46 17.24 -22.41
CA LEU B 147 4.62 17.04 -21.53
C LEU B 147 5.94 17.25 -22.29
N GLU B 148 6.07 16.58 -23.41
CA GLU B 148 7.30 16.71 -24.23
C GLU B 148 7.55 18.13 -24.70
N THR B 149 6.51 18.87 -25.10
CA THR B 149 6.74 20.25 -25.58
C THR B 149 7.08 21.16 -24.39
N ARG B 150 6.71 20.75 -23.18
CA ARG B 150 7.17 21.43 -21.99
C ARG B 150 8.47 20.86 -21.39
N HIS B 151 9.21 20.10 -22.20
CA HIS B 151 10.55 19.58 -21.87
C HIS B 151 10.63 18.41 -20.88
N HIS B 152 9.51 17.71 -20.65
CA HIS B 152 9.60 16.45 -19.90
C HIS B 152 10.15 15.39 -20.84
N HIS B 153 11.07 14.56 -20.35
CA HIS B 153 11.44 13.36 -21.09
C HIS B 153 10.50 12.29 -20.58
N THR B 154 9.60 11.81 -21.44
CA THR B 154 8.67 10.81 -20.98
C THR B 154 9.11 9.43 -21.43
N GLN B 155 8.74 8.41 -20.65
CA GLN B 155 8.80 7.07 -21.15
C GLN B 155 7.58 6.25 -20.75
N ILE B 156 7.36 5.20 -21.52
CA ILE B 156 6.18 4.39 -21.38
C ILE B 156 6.49 3.26 -20.41
N ALA B 157 5.62 3.04 -19.43
CA ALA B 157 5.81 1.92 -18.50
C ALA B 157 5.63 0.65 -19.31
N SER B 158 6.56 -0.29 -19.12
CA SER B 158 6.53 -1.55 -19.89
C SER B 158 5.43 -2.49 -19.42
N THR B 159 5.00 -2.36 -18.15
CA THR B 159 3.81 -3.08 -17.66
C THR B 159 2.67 -2.11 -17.34
N PHE B 160 2.59 -1.68 -16.09
CA PHE B 160 1.51 -0.80 -15.65
C PHE B 160 1.98 -0.04 -14.42
N ILE B 161 1.26 1.05 -14.07
CA ILE B 161 1.60 1.88 -12.94
C ILE B 161 0.59 1.74 -11.80
N ALA B 162 1.03 1.07 -10.74
CA ALA B 162 0.27 0.89 -9.52
C ALA B 162 -1.02 0.09 -9.68
N VAL B 163 -1.70 -0.12 -8.55
CA VAL B 163 -2.93 -0.88 -8.48
C VAL B 163 -3.83 -0.19 -7.45
N VAL B 164 -5.01 0.26 -7.90
CA VAL B 164 -5.92 1.05 -7.06
C VAL B 164 -7.25 0.30 -6.76
N GLN B 165 -7.61 0.19 -5.48
CA GLN B 165 -8.94 -0.28 -5.09
C GLN B 165 -9.69 0.90 -4.42
N ALA B 166 -10.94 1.13 -4.81
CA ALA B 166 -11.64 2.31 -4.32
C ALA B 166 -13.14 2.13 -4.21
N ILE B 167 -13.74 2.86 -3.27
CA ILE B 167 -15.18 2.88 -3.11
C ILE B 167 -15.52 4.37 -2.99
N VAL B 168 -16.67 4.76 -3.55
CA VAL B 168 -17.14 6.16 -3.54
C VAL B 168 -18.66 6.18 -3.30
N ARG B 169 -19.14 7.06 -2.42
N ARG B 169 -19.15 7.04 -2.41
CA ARG B 169 -20.59 7.24 -2.23
CA ARG B 169 -20.61 7.19 -2.24
C ARG B 169 -21.24 7.87 -3.48
C ARG B 169 -21.25 7.86 -3.46
N THR B 170 -22.34 7.28 -3.95
CA THR B 170 -23.12 7.89 -5.06
C THR B 170 -24.59 8.05 -4.65
N ALA B 171 -25.40 8.61 -5.55
CA ALA B 171 -26.86 8.57 -5.44
C ALA B 171 -27.31 7.10 -5.29
N GLY B 172 -26.87 6.24 -6.21
CA GLY B 172 -27.12 4.79 -6.17
C GLY B 172 -26.64 3.95 -4.98
N GLY B 173 -25.85 4.55 -4.07
CA GLY B 173 -25.26 3.84 -2.93
C GLY B 173 -23.73 3.86 -2.94
N TRP B 174 -23.10 2.71 -2.72
CA TRP B 174 -21.62 2.63 -2.66
C TRP B 174 -21.05 2.02 -3.94
N ALA B 175 -20.38 2.84 -4.74
CA ALA B 175 -19.80 2.38 -6.00
C ALA B 175 -18.36 1.94 -5.75
N ALA B 176 -18.02 0.73 -6.21
CA ALA B 176 -16.74 0.07 -5.92
C ALA B 176 -16.03 -0.31 -7.19
N ALA B 177 -14.70 -0.23 -7.16
CA ALA B 177 -13.87 -0.64 -8.30
C ALA B 177 -12.59 -1.34 -7.86
N SER B 178 -12.21 -2.37 -8.59
CA SER B 178 -10.92 -3.01 -8.37
C SER B 178 -10.20 -2.87 -9.66
N ASP B 179 -8.88 -2.78 -9.56
CA ASP B 179 -8.06 -2.39 -10.67
C ASP B 179 -7.82 -3.59 -11.59
N SER B 180 -8.25 -3.48 -12.85
CA SER B 180 -8.07 -4.59 -13.80
C SER B 180 -6.60 -4.85 -14.12
N ARG B 181 -5.71 -3.92 -13.75
CA ARG B 181 -4.28 -4.15 -13.98
C ARG B 181 -3.83 -5.42 -13.22
N LYS B 182 -4.48 -5.72 -12.08
CA LYS B 182 -4.17 -6.91 -11.26
C LYS B 182 -5.24 -8.04 -11.35
N GLY B 183 -6.47 -7.67 -11.68
CA GLY B 183 -7.53 -8.60 -12.06
C GLY B 183 -8.51 -8.79 -10.93
N GLY B 184 -8.56 -7.87 -9.98
CA GLY B 184 -9.50 -8.07 -8.88
C GLY B 184 -10.91 -7.66 -9.27
N GLU B 185 -11.86 -7.97 -8.40
CA GLU B 185 -13.23 -7.56 -8.60
C GLU B 185 -13.86 -7.33 -7.23
N PRO B 186 -14.68 -6.27 -7.10
CA PRO B 186 -15.39 -6.00 -5.85
C PRO B 186 -16.53 -6.99 -5.54
N ALA B 187 -17.06 -6.94 -4.31
CA ALA B 187 -18.30 -7.63 -3.95
C ALA B 187 -19.02 -6.77 -2.92
N GLY B 188 -20.36 -6.83 -2.93
CA GLY B 188 -21.13 -6.17 -1.88
C GLY B 188 -22.54 -6.68 -1.81
N TYR B 189 -23.38 -5.92 -1.11
CA TYR B 189 -24.82 -6.18 -1.09
C TYR B 189 -25.62 -4.89 -0.90
C1 NAG C . -17.77 3.10 16.95
C2 NAG C . -17.23 1.71 16.54
C3 NAG C . -17.20 0.59 17.61
C4 NAG C . -17.26 1.04 19.07
C5 NAG C . -18.11 2.30 19.22
C6 NAG C . -18.19 2.75 20.69
C7 NAG C . -17.34 0.38 14.53
C8 NAG C . -18.17 -0.08 13.37
N2 NAG C . -17.94 1.21 15.38
O3 NAG C . -16.01 -0.14 17.42
O4 NAG C . -17.75 -0.01 19.88
O5 NAG C . -17.63 3.34 18.36
O6 NAG C . -17.13 3.62 21.03
O7 NAG C . -16.19 -0.02 14.65
C1 NAG D . 29.10 -4.98 5.13
C2 NAG D . 28.73 -6.17 6.03
C3 NAG D . 28.71 -5.78 7.52
C4 NAG D . 29.89 -4.91 7.95
C5 NAG D . 29.98 -3.71 6.97
C6 NAG D . 31.06 -2.68 7.31
C7 NAG D . 27.19 -7.61 4.66
C8 NAG D . 25.78 -8.14 4.61
N2 NAG D . 27.45 -6.80 5.70
O3 NAG D . 28.61 -6.97 8.29
O4 NAG D . 29.73 -4.49 9.30
O5 NAG D . 30.14 -4.16 5.61
O6 NAG D . 32.35 -3.17 6.98
O7 NAG D . 28.03 -7.91 3.81
C1 NAG E . 8.88 25.36 6.42
C2 NAG E . 10.39 25.23 6.62
C3 NAG E . 11.07 26.59 6.77
C4 NAG E . 10.67 27.52 5.62
C5 NAG E . 9.14 27.58 5.49
C6 NAG E . 8.67 28.40 4.28
C7 NAG E . 11.22 23.08 7.35
C8 NAG E . 11.61 22.21 8.52
N2 NAG E . 10.76 24.30 7.67
O3 NAG E . 12.46 26.39 6.75
O4 NAG E . 11.22 28.80 5.82
O5 NAG E . 8.61 26.28 5.35
O6 NAG E . 7.29 28.67 4.46
O7 NAG E . 11.35 22.66 6.18
C1 NAG F . -6.95 17.52 11.53
C2 NAG F . -8.13 17.37 12.51
C3 NAG F . -8.04 18.30 13.74
C4 NAG F . -6.61 18.76 14.08
C5 NAG F . -5.51 17.80 13.54
C6 NAG F . -5.44 16.49 14.33
C7 NAG F . -10.35 16.65 11.79
C8 NAG F . -11.57 16.99 11.01
N2 NAG F . -9.39 17.56 11.80
O3 NAG F . -8.56 17.62 14.87
O4 NAG F . -6.41 20.08 13.62
O5 NAG F . -5.66 17.56 12.13
O6 NAG F . -4.28 16.48 15.13
O7 NAG F . -10.27 15.57 12.39
C1 NAG G . 6.72 -15.75 25.90
C2 NAG G . 8.12 -16.24 25.50
C3 NAG G . 8.92 -16.37 26.78
C4 NAG G . 8.95 -15.03 27.54
C5 NAG G . 7.54 -14.47 27.86
C6 NAG G . 7.58 -13.00 28.28
C7 NAG G . 8.30 -17.80 23.51
C8 NAG G . 8.07 -19.23 23.08
N2 NAG G . 8.02 -17.53 24.80
O3 NAG G . 10.22 -16.82 26.50
O4 NAG G . 9.66 -15.20 28.75
O5 NAG G . 6.66 -14.58 26.74
O6 NAG G . 6.93 -12.22 27.30
O7 NAG G . 8.73 -16.97 22.68
O1 MES H . 2.66 -29.55 -4.10
C2 MES H . 2.39 -29.32 -5.52
C3 MES H . 3.71 -28.96 -6.18
N4 MES H . 4.81 -29.93 -5.92
C5 MES H . 4.99 -30.18 -4.47
C6 MES H . 3.67 -30.54 -3.80
C7 MES H . 6.08 -29.46 -6.54
C8 MES H . 6.28 -30.21 -7.85
S MES H . 7.56 -29.21 -8.74
O1S MES H . 8.44 -30.15 -9.56
O2S MES H . 6.89 -28.20 -9.66
O3S MES H . 8.41 -28.48 -7.70
CL CL I . 2.03 -23.47 2.24
C1 NAG J . 15.96 16.49 -15.72
C2 NAG J . 17.21 17.03 -16.40
C3 NAG J . 16.92 18.50 -16.78
C4 NAG J . 15.63 18.63 -17.62
C5 NAG J . 14.49 17.71 -17.14
C6 NAG J . 13.49 17.45 -18.28
C7 NAG J . 18.54 17.32 -14.25
C8 NAG J . 19.87 17.01 -13.59
N2 NAG J . 18.37 16.87 -15.52
O3 NAG J . 18.01 19.19 -17.38
O4 NAG J . 15.20 19.99 -17.58
O5 NAG J . 14.96 16.45 -16.69
O6 NAG J . 13.01 16.10 -18.33
O7 NAG J . 17.69 17.98 -13.64
O1 MES K . 6.46 -4.31 -13.01
C2 MES K . 7.25 -3.22 -12.39
C3 MES K . 7.48 -3.66 -10.96
N4 MES K . 8.32 -4.87 -10.88
C5 MES K . 7.69 -5.95 -11.70
C6 MES K . 7.27 -5.50 -13.11
C7 MES K . 8.50 -5.25 -9.44
C8 MES K . 9.19 -6.61 -9.31
S MES K . 9.92 -6.55 -7.63
O1S MES K . 9.01 -7.27 -6.65
O2S MES K . 11.29 -7.24 -7.65
O3S MES K . 10.09 -5.09 -7.20
CL CL L . -3.68 -4.21 -4.55
NA NA M . -16.32 -1.66 -10.80
#